data_1XRG
#
_entry.id   1XRG
#
_cell.length_a   80.436
_cell.length_b   80.436
_cell.length_c   137.202
_cell.angle_alpha   90.00
_cell.angle_beta   90.00
_cell.angle_gamma   120.00
#
_symmetry.space_group_name_H-M   'P 32 2 1'
#
loop_
_entity.id
_entity.type
_entity.pdbx_description
1 polymer 'Putative translation initiation inhibitor, yjgF family'
2 non-polymer 'UNKNOWN ATOM OR ION'
3 water water
#
_entity_poly.entity_id   1
_entity_poly.type   'polypeptide(L)'
_entity_poly.pdbx_seq_one_letter_code
;(MSE)GSSHHHHHHSSGLVPRGSQSTSLYKKAGL(MSE)YIEVVKTNKAPEAIGPYSQAIVTGSFVYTSGQIPINPQTGE
VVDGGIEEQAKQVLENLKNVLEAAGSSLNKVVKTTVFIKD(MSE)DSFAKVNEVYAKYFSEPYPARSCVEVSKLPKGVLI
EIEAVAIK
;
_entity_poly.pdbx_strand_id   A,B,C
#
loop_
_chem_comp.id
_chem_comp.type
_chem_comp.name
_chem_comp.formula
UNX non-polymer 'UNKNOWN ATOM OR ION' ?
#
# COMPACT_ATOMS: atom_id res chain seq x y z
N TYR A 32 14.55 -9.71 12.42
CA TYR A 32 13.93 -11.08 12.29
C TYR A 32 12.43 -10.96 11.90
N ILE A 33 11.76 -12.10 11.87
CA ILE A 33 10.40 -12.22 11.39
C ILE A 33 9.58 -13.02 12.41
N GLU A 34 8.44 -12.50 12.83
CA GLU A 34 7.49 -13.26 13.67
C GLU A 34 6.06 -13.26 13.08
N VAL A 35 5.43 -14.43 13.16
CA VAL A 35 4.09 -14.69 12.61
C VAL A 35 3.01 -14.66 13.70
N VAL A 36 1.99 -13.83 13.48
CA VAL A 36 0.85 -13.80 14.36
C VAL A 36 -0.08 -14.95 13.95
N LYS A 37 -0.53 -15.76 14.93
CA LYS A 37 -1.43 -16.92 14.70
C LYS A 37 -2.47 -17.02 15.80
N THR A 38 -3.38 -16.04 15.85
CA THR A 38 -4.35 -15.93 16.92
C THR A 38 -5.73 -16.52 16.59
N ASN A 39 -6.28 -17.23 17.59
CA ASN A 39 -7.58 -17.83 17.43
C ASN A 39 -8.74 -16.85 17.64
N LYS A 40 -8.42 -15.59 17.89
CA LYS A 40 -9.42 -14.50 17.98
C LYS A 40 -9.76 -13.82 16.64
N ALA A 41 -9.05 -14.20 15.57
CA ALA A 41 -9.30 -13.74 14.21
C ALA A 41 -9.29 -14.95 13.29
N PRO A 42 -9.85 -14.81 12.07
CA PRO A 42 -9.96 -16.00 11.20
C PRO A 42 -8.59 -16.61 10.91
N GLU A 43 -8.53 -17.93 10.90
CA GLU A 43 -7.29 -18.63 10.69
C GLU A 43 -6.78 -18.31 9.28
N ALA A 44 -5.48 -18.17 9.14
CA ALA A 44 -4.87 -17.99 7.84
C ALA A 44 -4.74 -19.36 7.13
N ILE A 45 -5.66 -19.65 6.23
CA ILE A 45 -5.62 -20.87 5.41
C ILE A 45 -5.01 -20.52 4.05
N GLY A 46 -3.91 -21.16 3.71
CA GLY A 46 -3.21 -20.88 2.46
C GLY A 46 -1.88 -20.18 2.73
N PRO A 47 -1.22 -19.69 1.67
CA PRO A 47 0.11 -19.09 1.78
C PRO A 47 0.12 -17.61 2.20
N TYR A 48 -0.45 -17.33 3.37
CA TYR A 48 -0.28 -16.04 4.02
C TYR A 48 -0.38 -16.16 5.56
N SER A 49 -0.07 -15.05 6.23
CA SER A 49 -0.20 -14.94 7.68
C SER A 49 -1.09 -13.78 8.04
N GLN A 50 -1.80 -13.92 9.15
CA GLN A 50 -2.60 -12.84 9.73
C GLN A 50 -1.83 -11.52 9.83
N ALA A 51 -0.59 -11.59 10.30
CA ALA A 51 0.31 -10.45 10.39
C ALA A 51 1.71 -10.96 10.57
N ILE A 52 2.67 -10.12 10.18
CA ILE A 52 4.08 -10.32 10.42
C ILE A 52 4.62 -9.14 11.24
N VAL A 53 5.42 -9.48 12.24
CA VAL A 53 6.16 -8.54 13.07
C VAL A 53 7.62 -8.61 12.68
N THR A 54 8.19 -7.46 12.36
CA THR A 54 9.60 -7.38 12.06
C THR A 54 10.15 -6.15 12.74
N GLY A 55 10.93 -6.37 13.80
CA GLY A 55 11.48 -5.26 14.59
C GLY A 55 10.34 -4.52 15.32
N SER A 56 10.24 -3.22 15.11
CA SER A 56 9.15 -2.46 15.75
C SER A 56 7.88 -2.29 14.87
N PHE A 57 7.83 -2.98 13.74
CA PHE A 57 6.73 -2.84 12.79
C PHE A 57 5.89 -4.10 12.67
N VAL A 58 4.59 -3.87 12.52
CA VAL A 58 3.62 -4.91 12.31
C VAL A 58 2.87 -4.63 10.98
N TYR A 59 2.94 -5.62 10.08
CA TYR A 59 2.19 -5.65 8.84
C TYR A 59 1.04 -6.66 8.94
N THR A 60 -0.20 -6.16 8.96
CA THR A 60 -1.35 -7.06 8.89
C THR A 60 -1.68 -7.43 7.44
N SER A 61 -2.29 -8.59 7.30
CA SER A 61 -3.02 -8.91 6.13
C SER A 61 -4.24 -7.98 6.01
N GLY A 62 -4.75 -7.87 4.80
CA GLY A 62 -6.01 -7.22 4.55
C GLY A 62 -7.09 -8.01 5.21
N GLN A 63 -7.63 -7.46 6.29
CA GLN A 63 -8.68 -8.11 7.06
C GLN A 63 -10.06 -8.00 6.37
N ILE A 64 -10.83 -9.09 6.45
CA ILE A 64 -12.15 -9.21 5.82
C ILE A 64 -13.19 -9.56 6.92
N PRO A 65 -14.47 -9.22 6.68
CA PRO A 65 -15.55 -9.42 7.65
C PRO A 65 -15.96 -10.88 7.85
N ILE A 66 -14.98 -11.77 8.08
CA ILE A 66 -15.25 -13.14 8.41
C ILE A 66 -15.40 -13.25 9.94
N ASN A 67 -16.45 -13.91 10.39
CA ASN A 67 -16.60 -14.27 11.78
C ASN A 67 -15.63 -15.41 12.11
N PRO A 68 -14.69 -15.17 13.04
CA PRO A 68 -13.74 -16.24 13.31
C PRO A 68 -14.44 -17.51 13.89
N GLN A 69 -15.55 -17.33 14.59
CA GLN A 69 -16.30 -18.45 15.21
C GLN A 69 -17.07 -19.31 14.21
N THR A 70 -17.51 -18.74 13.08
CA THR A 70 -18.22 -19.54 12.07
C THR A 70 -17.43 -19.79 10.80
N GLY A 71 -16.41 -18.96 10.55
CA GLY A 71 -15.71 -18.98 9.26
C GLY A 71 -16.55 -18.43 8.11
N GLU A 72 -17.68 -17.81 8.44
CA GLU A 72 -18.58 -17.26 7.43
C GLU A 72 -18.52 -15.72 7.49
N VAL A 73 -18.89 -15.09 6.39
CA VAL A 73 -19.11 -13.65 6.39
C VAL A 73 -20.21 -13.35 7.38
N VAL A 74 -20.06 -12.29 8.17
CA VAL A 74 -21.09 -11.91 9.12
C VAL A 74 -22.33 -11.40 8.35
N ASP A 75 -23.50 -11.55 8.95
CA ASP A 75 -24.75 -11.10 8.33
C ASP A 75 -24.85 -9.60 8.34
N GLY A 76 -25.61 -9.07 7.38
CA GLY A 76 -25.85 -7.64 7.29
C GLY A 76 -25.18 -7.00 6.09
N GLY A 77 -25.11 -5.67 6.13
CA GLY A 77 -24.53 -4.88 5.08
C GLY A 77 -23.23 -4.24 5.51
N ILE A 78 -22.98 -3.04 5.01
CA ILE A 78 -21.64 -2.46 5.11
C ILE A 78 -21.26 -2.19 6.58
N GLU A 79 -22.24 -1.76 7.39
CA GLU A 79 -21.99 -1.40 8.79
C GLU A 79 -21.50 -2.62 9.57
N GLU A 80 -22.18 -3.74 9.38
CA GLU A 80 -21.86 -4.97 10.10
C GLU A 80 -20.51 -5.53 9.63
N GLN A 81 -20.23 -5.42 8.33
CA GLN A 81 -18.98 -5.98 7.79
C GLN A 81 -17.78 -5.11 8.23
N ALA A 82 -17.94 -3.79 8.21
CA ALA A 82 -16.92 -2.85 8.67
C ALA A 82 -16.52 -3.09 10.12
N LYS A 83 -17.51 -3.27 10.98
CA LYS A 83 -17.29 -3.70 12.36
C LYS A 83 -16.47 -4.99 12.45
N GLN A 84 -16.89 -6.05 11.77
CA GLN A 84 -16.17 -7.31 11.86
C GLN A 84 -14.71 -7.20 11.39
N VAL A 85 -14.49 -6.47 10.32
CA VAL A 85 -13.14 -6.22 9.80
C VAL A 85 -12.27 -5.55 10.84
N LEU A 86 -12.82 -4.54 11.49
CA LEU A 86 -12.09 -3.78 12.52
C LEU A 86 -11.87 -4.57 13.83
N GLU A 87 -12.83 -5.42 14.18
CA GLU A 87 -12.64 -6.40 15.27
C GLU A 87 -11.54 -7.41 14.93
N ASN A 88 -11.56 -7.94 13.73
CA ASN A 88 -10.47 -8.82 13.31
C ASN A 88 -9.12 -8.08 13.33
N LEU A 89 -9.11 -6.85 12.80
CA LEU A 89 -7.88 -6.07 12.79
C LEU A 89 -7.37 -5.87 14.21
N LYS A 90 -8.24 -5.40 15.09
CA LYS A 90 -7.93 -5.19 16.53
C LYS A 90 -7.27 -6.41 17.16
N ASN A 91 -7.87 -7.58 16.95
CA ASN A 91 -7.38 -8.82 17.54
C ASN A 91 -6.08 -9.28 16.94
N VAL A 92 -5.91 -9.08 15.64
CA VAL A 92 -4.63 -9.37 15.00
C VAL A 92 -3.54 -8.48 15.62
N LEU A 93 -3.82 -7.18 15.68
CA LEU A 93 -2.84 -6.19 16.15
C LEU A 93 -2.49 -6.48 17.59
N GLU A 94 -3.48 -6.78 18.41
CA GLU A 94 -3.20 -7.04 19.83
C GLU A 94 -2.39 -8.31 20.06
N ALA A 95 -2.70 -9.37 19.30
CA ALA A 95 -1.91 -10.60 19.38
C ALA A 95 -0.46 -10.39 18.95
N ALA A 96 -0.23 -9.39 18.12
CA ALA A 96 1.12 -9.01 17.70
C ALA A 96 1.87 -8.28 18.78
N GLY A 97 1.20 -7.91 19.87
CA GLY A 97 1.82 -7.04 20.86
C GLY A 97 1.65 -5.58 20.47
N SER A 98 0.76 -5.28 19.50
CA SER A 98 0.49 -3.88 19.10
C SER A 98 -0.94 -3.56 19.54
N SER A 99 -1.55 -2.57 18.90
CA SER A 99 -2.93 -2.21 19.12
C SER A 99 -3.39 -1.20 18.07
N LEU A 100 -4.69 -0.98 18.05
CA LEU A 100 -5.31 0.04 17.22
C LEU A 100 -4.71 1.41 17.40
N ASN A 101 -4.35 1.78 18.63
CA ASN A 101 -3.74 3.09 18.89
C ASN A 101 -2.26 3.21 18.49
N LYS A 102 -1.69 2.16 17.92
CA LYS A 102 -0.32 2.18 17.42
C LYS A 102 -0.26 1.98 15.89
N VAL A 103 -1.42 1.99 15.26
CA VAL A 103 -1.54 1.98 13.79
C VAL A 103 -1.09 3.31 13.21
N VAL A 104 -0.16 3.25 12.26
CA VAL A 104 0.32 4.45 11.58
C VAL A 104 -0.30 4.65 10.19
N LYS A 105 -0.69 3.56 9.50
CA LYS A 105 -1.21 3.63 8.14
C LYS A 105 -2.20 2.49 7.85
N THR A 106 -3.33 2.84 7.24
CA THR A 106 -4.28 1.84 6.78
C THR A 106 -4.59 2.04 5.30
N THR A 107 -5.02 0.95 4.67
CA THR A 107 -5.67 1.05 3.38
C THR A 107 -7.02 0.39 3.46
N VAL A 108 -8.03 1.15 3.05
CA VAL A 108 -9.41 0.71 3.11
C VAL A 108 -9.85 0.44 1.67
N PHE A 109 -10.12 -0.82 1.34
CA PHE A 109 -10.61 -1.18 0.02
C PHE A 109 -12.10 -1.41 0.15
N ILE A 110 -12.91 -0.72 -0.62
CA ILE A 110 -14.35 -0.90 -0.52
C ILE A 110 -14.95 -1.23 -1.84
N LYS A 111 -16.04 -1.98 -1.79
CA LYS A 111 -16.77 -2.37 -2.96
C LYS A 111 -17.61 -1.21 -3.53
N ASP A 112 -18.07 -0.29 -2.67
CA ASP A 112 -18.89 0.84 -3.13
C ASP A 112 -18.54 2.13 -2.40
N MSE A 113 -17.92 3.07 -3.12
CA MSE A 113 -17.51 4.35 -2.57
C MSE A 113 -18.69 5.17 -2.01
O MSE A 113 -18.49 5.96 -1.09
CB MSE A 113 -16.78 5.14 -3.67
CG MSE A 113 -16.19 6.47 -3.23
SE MSE A 113 -14.81 6.30 -1.83
CE MSE A 113 -13.43 5.44 -2.80
N ASP A 114 -19.91 4.96 -2.54
CA ASP A 114 -21.14 5.61 -1.99
C ASP A 114 -21.46 5.29 -0.53
N SER A 115 -20.97 4.16 -0.02
CA SER A 115 -21.10 3.85 1.44
C SER A 115 -19.91 4.31 2.28
N PHE A 116 -19.10 5.19 1.73
CA PHE A 116 -17.97 5.70 2.47
C PHE A 116 -18.32 6.31 3.85
N ALA A 117 -19.34 7.16 3.89
CA ALA A 117 -19.69 7.83 5.13
C ALA A 117 -20.06 6.81 6.22
N LYS A 118 -20.74 5.72 5.87
CA LYS A 118 -21.02 4.64 6.84
C LYS A 118 -19.73 3.96 7.34
N VAL A 119 -18.82 3.68 6.41
CA VAL A 119 -17.56 3.07 6.79
C VAL A 119 -16.83 3.95 7.78
N ASN A 120 -16.80 5.24 7.47
CA ASN A 120 -16.09 6.22 8.25
C ASN A 120 -16.58 6.34 9.67
N GLU A 121 -17.91 6.28 9.83
CA GLU A 121 -18.56 6.33 11.13
C GLU A 121 -18.16 5.15 12.01
N VAL A 122 -18.20 3.94 11.46
CA VAL A 122 -17.70 2.77 12.18
C VAL A 122 -16.19 2.94 12.47
N TYR A 123 -15.43 3.35 11.45
CA TYR A 123 -13.95 3.45 11.49
C TYR A 123 -13.50 4.38 12.58
N ALA A 124 -14.20 5.51 12.71
CA ALA A 124 -13.88 6.51 13.71
C ALA A 124 -14.02 6.02 15.15
N LYS A 125 -14.88 5.03 15.40
CA LYS A 125 -14.97 4.39 16.72
C LYS A 125 -13.70 3.65 17.14
N TYR A 126 -12.86 3.24 16.18
CA TYR A 126 -11.77 2.32 16.46
C TYR A 126 -10.41 2.97 16.57
N PHE A 127 -10.33 4.26 16.23
CA PHE A 127 -9.07 5.00 16.19
C PHE A 127 -9.21 6.30 16.93
N SER A 128 -8.08 6.83 17.38
CA SER A 128 -7.99 8.04 18.17
C SER A 128 -6.87 8.93 17.61
N GLU A 129 -6.95 10.22 17.90
CA GLU A 129 -5.95 11.19 17.48
C GLU A 129 -4.59 11.03 18.14
N PRO A 130 -3.49 11.18 17.37
CA PRO A 130 -3.43 11.40 15.92
C PRO A 130 -3.81 10.14 15.12
N TYR A 131 -4.76 10.28 14.20
CA TYR A 131 -5.30 9.14 13.44
C TYR A 131 -4.27 8.63 12.43
N PRO A 132 -4.39 7.35 12.06
CA PRO A 132 -3.50 6.82 11.01
C PRO A 132 -3.63 7.59 9.68
N ALA A 133 -2.55 7.62 8.90
CA ALA A 133 -2.64 7.94 7.51
C ALA A 133 -3.49 6.88 6.88
N ARG A 134 -4.14 7.26 5.78
CA ARG A 134 -5.12 6.40 5.16
C ARG A 134 -5.24 6.63 3.66
N SER A 135 -5.48 5.54 2.96
CA SER A 135 -5.94 5.56 1.59
C SER A 135 -7.26 4.79 1.51
N CYS A 136 -8.23 5.32 0.76
CA CYS A 136 -9.51 4.65 0.46
C CYS A 136 -9.70 4.58 -1.04
N VAL A 137 -9.89 3.38 -1.58
CA VAL A 137 -10.23 3.22 -3.01
C VAL A 137 -11.39 2.24 -3.17
N GLU A 138 -12.18 2.43 -4.23
CA GLU A 138 -13.21 1.46 -4.56
C GLU A 138 -12.60 0.45 -5.52
N VAL A 139 -12.80 -0.83 -5.21
CA VAL A 139 -12.40 -1.93 -6.06
C VAL A 139 -13.57 -2.73 -6.63
N SER A 140 -13.25 -3.52 -7.65
CA SER A 140 -14.22 -4.32 -8.40
C SER A 140 -14.76 -5.50 -7.62
N LYS A 141 -13.87 -6.16 -6.90
CA LYS A 141 -14.24 -7.32 -6.14
C LYS A 141 -13.22 -7.59 -5.02
N LEU A 142 -13.69 -8.27 -3.98
CA LEU A 142 -12.89 -8.57 -2.81
C LEU A 142 -13.04 -10.03 -2.52
N PRO A 143 -12.10 -10.63 -1.74
CA PRO A 143 -12.22 -12.06 -1.42
C PRO A 143 -13.58 -12.41 -0.87
N LYS A 144 -14.14 -13.52 -1.37
CA LYS A 144 -15.43 -14.07 -0.94
C LYS A 144 -16.58 -13.10 -1.12
N GLY A 145 -16.45 -12.19 -2.07
CA GLY A 145 -17.51 -11.24 -2.32
C GLY A 145 -17.78 -10.27 -1.18
N VAL A 146 -16.83 -10.08 -0.26
CA VAL A 146 -17.03 -9.07 0.80
C VAL A 146 -17.11 -7.63 0.27
N LEU A 147 -17.59 -6.73 1.11
CA LEU A 147 -17.78 -5.33 0.71
C LEU A 147 -16.67 -4.42 1.22
N ILE A 148 -15.80 -4.94 2.04
CA ILE A 148 -14.76 -4.12 2.63
C ILE A 148 -13.59 -4.98 3.08
N GLU A 149 -12.38 -4.48 2.90
CA GLU A 149 -11.15 -5.12 3.37
C GLU A 149 -10.20 -4.00 3.83
N ILE A 150 -9.54 -4.22 4.97
CA ILE A 150 -8.66 -3.17 5.55
C ILE A 150 -7.38 -3.78 6.06
N GLU A 151 -6.27 -3.20 5.58
CA GLU A 151 -4.92 -3.54 6.06
C GLU A 151 -4.34 -2.36 6.85
N ALA A 152 -3.38 -2.70 7.70
CA ALA A 152 -2.77 -1.76 8.60
C ALA A 152 -1.26 -2.01 8.67
N VAL A 153 -0.51 -0.92 8.72
CA VAL A 153 0.88 -0.93 9.21
C VAL A 153 0.84 -0.29 10.61
N ALA A 154 1.46 -0.97 11.59
CA ALA A 154 1.42 -0.53 12.99
C ALA A 154 2.80 -0.60 13.60
N ILE A 155 2.96 -0.01 14.78
CA ILE A 155 4.20 -0.16 15.52
C ILE A 155 4.00 -0.95 16.83
N LYS A 156 5.12 -1.44 17.32
CA LYS A 156 5.18 -2.31 18.50
C LYS A 156 6.18 -1.73 19.50
N SER B 19 -8.32 22.07 13.96
CA SER B 19 -7.07 22.29 14.76
C SER B 19 -5.80 22.12 13.91
N GLN B 20 -4.85 23.04 14.07
CA GLN B 20 -3.57 23.04 13.38
C GLN B 20 -2.42 22.58 14.28
N SER B 21 -2.74 22.22 15.54
CA SER B 21 -1.72 21.80 16.50
C SER B 21 -1.20 20.39 16.18
N THR B 22 0.11 20.19 16.33
CA THR B 22 0.76 18.90 16.11
C THR B 22 1.38 18.33 17.39
N SER B 23 0.82 18.69 18.55
CA SER B 23 1.38 18.29 19.85
C SER B 23 0.99 16.88 20.28
N LEU B 24 -0.19 16.42 19.88
CA LEU B 24 -0.60 15.05 20.20
C LEU B 24 0.28 13.98 19.52
N TYR B 25 0.66 12.99 20.31
CA TYR B 25 1.40 11.84 19.84
C TYR B 25 0.78 10.59 20.40
N LYS B 26 1.18 9.45 19.82
CA LYS B 26 1.02 8.14 20.46
C LYS B 26 2.42 7.67 20.80
N LYS B 27 2.55 6.96 21.94
CA LYS B 27 3.84 6.37 22.37
C LYS B 27 3.74 4.84 22.32
N ALA B 28 4.77 4.20 21.77
CA ALA B 28 4.90 2.73 21.77
C ALA B 28 6.33 2.37 22.22
N GLY B 29 6.50 2.15 23.51
CA GLY B 29 7.82 2.05 24.11
C GLY B 29 8.65 3.31 23.83
N LEU B 30 9.74 3.13 23.12
CA LEU B 30 10.65 4.21 22.79
C LEU B 30 10.34 4.84 21.42
N MSE B 31 9.27 4.40 20.78
CA MSE B 31 8.86 5.03 19.52
C MSE B 31 7.57 5.78 19.66
O MSE B 31 6.78 5.51 20.56
CB MSE B 31 8.71 3.98 18.45
CG MSE B 31 10.02 3.60 17.84
SE MSE B 31 9.64 2.61 16.27
CE MSE B 31 9.54 3.93 14.98
N TYR B 32 7.37 6.72 18.74
CA TYR B 32 6.26 7.67 18.75
C TYR B 32 5.59 7.78 17.39
N ILE B 33 4.30 7.99 17.43
CA ILE B 33 3.51 8.34 16.27
C ILE B 33 3.23 9.85 16.40
N GLU B 34 3.72 10.63 15.43
CA GLU B 34 3.50 12.05 15.41
C GLU B 34 2.73 12.41 14.16
N VAL B 35 1.84 13.38 14.32
CA VAL B 35 0.92 13.82 13.29
C VAL B 35 1.56 14.90 12.42
N VAL B 36 1.21 14.90 11.13
CA VAL B 36 1.59 15.97 10.20
C VAL B 36 0.33 16.74 9.84
N LYS B 37 0.42 18.07 9.94
CA LYS B 37 -0.67 18.97 9.57
C LYS B 37 -0.07 20.16 8.87
N THR B 38 -0.68 20.53 7.73
CA THR B 38 -0.31 21.75 7.03
C THR B 38 -1.54 22.25 6.33
N ASN B 39 -1.73 23.56 6.36
CA ASN B 39 -2.80 24.19 5.62
C ASN B 39 -2.41 24.42 4.14
N LYS B 40 -1.21 24.01 3.76
CA LYS B 40 -0.81 23.97 2.35
C LYS B 40 -1.32 22.73 1.57
N ALA B 41 -2.00 21.80 2.27
CA ALA B 41 -2.65 20.66 1.63
C ALA B 41 -4.06 20.54 2.16
N PRO B 42 -4.93 19.79 1.46
CA PRO B 42 -6.33 19.70 1.95
C PRO B 42 -6.42 19.21 3.40
N GLU B 43 -7.32 19.78 4.17
CA GLU B 43 -7.40 19.44 5.57
C GLU B 43 -7.91 17.99 5.73
N ALA B 44 -7.27 17.25 6.63
CA ALA B 44 -7.75 15.94 7.01
C ALA B 44 -8.94 16.12 7.95
N ILE B 45 -10.14 15.84 7.44
CA ILE B 45 -11.35 16.00 8.22
C ILE B 45 -11.93 14.61 8.41
N GLY B 46 -12.11 14.23 9.67
CA GLY B 46 -12.51 12.87 9.99
C GLY B 46 -11.32 12.12 10.57
N PRO B 47 -11.43 10.76 10.65
CA PRO B 47 -10.50 9.90 11.34
C PRO B 47 -9.26 9.47 10.51
N TYR B 48 -8.52 10.44 10.00
CA TYR B 48 -7.24 10.17 9.35
C TYR B 48 -6.35 11.41 9.48
N SER B 49 -5.06 11.25 9.19
CA SER B 49 -4.11 12.36 9.18
C SER B 49 -3.49 12.47 7.81
N GLN B 50 -3.10 13.69 7.45
CA GLN B 50 -2.42 13.95 6.16
C GLN B 50 -1.20 13.04 6.00
N ALA B 51 -0.38 12.99 7.05
CA ALA B 51 0.67 12.02 7.18
C ALA B 51 0.96 11.74 8.65
N ILE B 52 1.72 10.69 8.89
CA ILE B 52 2.20 10.28 10.21
C ILE B 52 3.71 10.08 10.14
N VAL B 53 4.41 10.56 11.16
CA VAL B 53 5.86 10.35 11.32
C VAL B 53 6.11 9.39 12.47
N THR B 54 6.86 8.34 12.19
CA THR B 54 7.23 7.36 13.20
C THR B 54 8.68 6.92 12.94
N GLY B 55 9.52 7.07 13.95
CA GLY B 55 10.94 6.76 13.77
C GLY B 55 11.50 7.63 12.68
N SER B 56 12.15 7.03 11.70
CA SER B 56 12.67 7.82 10.56
C SER B 56 11.79 7.70 9.29
N PHE B 57 10.55 7.25 9.46
CA PHE B 57 9.62 7.02 8.32
C PHE B 57 8.44 7.98 8.36
N VAL B 58 8.02 8.37 7.15
CA VAL B 58 6.81 9.17 6.95
C VAL B 58 5.86 8.35 6.08
N TYR B 59 4.63 8.18 6.59
CA TYR B 59 3.53 7.58 5.87
C TYR B 59 2.50 8.66 5.51
N THR B 60 2.27 8.89 4.22
CA THR B 60 1.21 9.85 3.81
C THR B 60 -0.09 9.15 3.59
N SER B 61 -1.17 9.90 3.77
CA SER B 61 -2.44 9.46 3.26
C SER B 61 -2.37 9.48 1.70
N GLY B 62 -3.35 8.83 1.08
CA GLY B 62 -3.55 8.91 -0.34
C GLY B 62 -4.00 10.29 -0.69
N GLN B 63 -3.12 11.05 -1.37
CA GLN B 63 -3.43 12.42 -1.74
C GLN B 63 -4.37 12.41 -2.96
N ILE B 64 -5.35 13.31 -2.93
CA ILE B 64 -6.35 13.48 -4.00
C ILE B 64 -6.27 14.93 -4.50
N PRO B 65 -6.70 15.18 -5.78
CA PRO B 65 -6.57 16.52 -6.39
C PRO B 65 -7.61 17.57 -5.92
N ILE B 66 -7.70 17.73 -4.61
CA ILE B 66 -8.43 18.83 -3.98
C ILE B 66 -7.52 20.07 -3.88
N ASN B 67 -8.05 21.23 -4.25
CA ASN B 67 -7.32 22.49 -4.05
C ASN B 67 -7.45 22.82 -2.55
N PRO B 68 -6.32 22.93 -1.84
CA PRO B 68 -6.43 23.22 -0.41
C PRO B 68 -7.10 24.57 -0.10
N GLN B 69 -7.08 25.49 -1.07
CA GLN B 69 -7.73 26.79 -0.94
C GLN B 69 -9.25 26.65 -0.99
N THR B 70 -9.77 26.03 -2.05
CA THR B 70 -11.23 25.92 -2.26
C THR B 70 -11.87 24.76 -1.50
N GLY B 71 -11.12 23.70 -1.21
CA GLY B 71 -11.70 22.46 -0.69
C GLY B 71 -12.43 21.62 -1.74
N GLU B 72 -12.29 21.99 -3.01
CA GLU B 72 -12.98 21.29 -4.10
C GLU B 72 -11.97 20.60 -5.04
N VAL B 73 -12.43 19.63 -5.81
CA VAL B 73 -11.60 19.02 -6.83
C VAL B 73 -11.17 20.09 -7.85
N VAL B 74 -9.91 20.12 -8.22
CA VAL B 74 -9.46 21.15 -9.15
C VAL B 74 -10.20 21.08 -10.48
N ASP B 75 -10.34 22.23 -11.11
CA ASP B 75 -10.87 22.29 -12.44
C ASP B 75 -9.85 21.66 -13.40
N GLY B 76 -10.33 21.22 -14.55
CA GLY B 76 -9.45 20.72 -15.60
C GLY B 76 -9.58 19.22 -15.71
N GLY B 77 -8.51 18.60 -16.23
CA GLY B 77 -8.50 17.18 -16.51
C GLY B 77 -7.43 16.44 -15.76
N ILE B 78 -6.98 15.32 -16.33
CA ILE B 78 -6.01 14.46 -15.64
C ILE B 78 -4.65 15.13 -15.37
N GLU B 79 -4.19 15.94 -16.31
CA GLU B 79 -2.95 16.66 -16.12
C GLU B 79 -3.06 17.57 -14.90
N GLU B 80 -4.19 18.26 -14.78
CA GLU B 80 -4.38 19.21 -13.71
C GLU B 80 -4.53 18.43 -12.39
N GLN B 81 -5.23 17.29 -12.43
CA GLN B 81 -5.45 16.51 -11.22
C GLN B 81 -4.12 15.89 -10.75
N ALA B 82 -3.32 15.39 -11.69
CA ALA B 82 -2.01 14.84 -11.41
C ALA B 82 -1.11 15.86 -10.72
N LYS B 83 -0.99 17.04 -11.33
CA LYS B 83 -0.29 18.18 -10.70
C LYS B 83 -0.78 18.47 -9.26
N GLN B 84 -2.09 18.67 -9.06
CA GLN B 84 -2.61 18.95 -7.75
C GLN B 84 -2.30 17.85 -6.72
N VAL B 85 -2.50 16.58 -7.09
CA VAL B 85 -2.15 15.48 -6.19
C VAL B 85 -0.69 15.57 -5.78
N LEU B 86 0.18 15.84 -6.72
CA LEU B 86 1.61 15.82 -6.44
C LEU B 86 2.09 17.05 -5.66
N GLU B 87 1.41 18.18 -5.84
CA GLU B 87 1.64 19.37 -5.02
C GLU B 87 1.17 19.11 -3.60
N ASN B 88 0.00 18.49 -3.45
CA ASN B 88 -0.50 18.13 -2.14
C ASN B 88 0.48 17.21 -1.40
N LEU B 89 0.99 16.22 -2.11
CA LEU B 89 1.96 15.27 -1.54
C LEU B 89 3.29 15.98 -1.16
N LYS B 90 3.80 16.81 -2.08
CA LYS B 90 4.95 17.69 -1.80
C LYS B 90 4.81 18.41 -0.44
N ASN B 91 3.71 19.13 -0.28
CA ASN B 91 3.47 20.00 0.89
C ASN B 91 3.23 19.20 2.19
N VAL B 92 2.58 18.05 2.07
CA VAL B 92 2.47 17.13 3.20
C VAL B 92 3.85 16.65 3.64
N LEU B 93 4.62 16.15 2.70
CA LEU B 93 5.96 15.65 3.01
C LEU B 93 6.83 16.70 3.64
N GLU B 94 6.82 17.90 3.06
CA GLU B 94 7.63 19.02 3.55
C GLU B 94 7.22 19.45 4.94
N ALA B 95 5.92 19.50 5.22
CA ALA B 95 5.44 19.74 6.58
C ALA B 95 5.94 18.71 7.62
N ALA B 96 6.29 17.50 7.15
CA ALA B 96 6.82 16.42 7.97
C ALA B 96 8.33 16.50 8.18
N GLY B 97 8.97 17.49 7.57
CA GLY B 97 10.42 17.56 7.58
C GLY B 97 11.02 16.60 6.56
N SER B 98 10.19 16.08 5.66
CA SER B 98 10.66 15.18 4.61
C SER B 98 10.61 15.94 3.27
N SER B 99 10.63 15.19 2.15
CA SER B 99 10.45 15.77 0.81
C SER B 99 10.18 14.69 -0.25
N LEU B 100 9.96 15.14 -1.49
CA LEU B 100 9.78 14.24 -2.64
C LEU B 100 11.06 13.48 -2.90
N ASN B 101 12.16 14.16 -2.64
CA ASN B 101 13.51 13.64 -2.83
C ASN B 101 13.80 12.48 -1.88
N LYS B 102 13.00 12.34 -0.81
CA LYS B 102 13.18 11.29 0.22
C LYS B 102 12.09 10.15 0.17
N VAL B 103 11.30 10.12 -0.89
CA VAL B 103 10.23 9.13 -1.08
C VAL B 103 10.85 7.81 -1.52
N VAL B 104 10.47 6.72 -0.88
CA VAL B 104 10.99 5.42 -1.22
C VAL B 104 9.98 4.55 -1.99
N LYS B 105 8.69 4.77 -1.79
CA LYS B 105 7.63 3.93 -2.36
C LYS B 105 6.37 4.73 -2.58
N THR B 106 5.79 4.64 -3.77
CA THR B 106 4.45 5.20 -4.01
C THR B 106 3.48 4.13 -4.48
N THR B 107 2.20 4.37 -4.22
CA THR B 107 1.13 3.65 -4.92
C THR B 107 0.28 4.71 -5.62
N VAL B 108 0.04 4.49 -6.92
CA VAL B 108 -0.70 5.40 -7.75
C VAL B 108 -1.95 4.68 -8.17
N PHE B 109 -3.10 5.17 -7.68
CA PHE B 109 -4.41 4.63 -8.03
C PHE B 109 -4.99 5.58 -9.04
N ILE B 110 -5.37 5.05 -10.18
CA ILE B 110 -5.94 5.88 -11.25
C ILE B 110 -7.24 5.31 -11.68
N LYS B 111 -8.09 6.17 -12.21
CA LYS B 111 -9.38 5.80 -12.82
C LYS B 111 -9.21 5.30 -14.27
N ASP B 112 -8.10 5.62 -14.91
CA ASP B 112 -7.94 5.30 -16.34
C ASP B 112 -6.51 4.91 -16.69
N MSE B 113 -6.23 3.61 -16.74
CA MSE B 113 -4.88 3.14 -17.08
C MSE B 113 -4.43 3.59 -18.46
O MSE B 113 -3.22 3.76 -18.73
CB MSE B 113 -4.85 1.59 -16.98
CG MSE B 113 -3.50 0.95 -17.18
SE MSE B 113 -2.14 1.56 -15.86
CE MSE B 113 -2.97 0.84 -14.31
N ASP B 114 -5.38 3.75 -19.38
CA ASP B 114 -5.11 4.22 -20.74
C ASP B 114 -4.48 5.60 -20.75
N SER B 115 -4.82 6.43 -19.76
CA SER B 115 -4.23 7.78 -19.55
C SER B 115 -2.82 7.78 -18.90
N PHE B 116 -2.25 6.62 -18.61
CA PHE B 116 -1.11 6.60 -17.68
C PHE B 116 0.14 7.34 -18.16
N ALA B 117 0.36 7.44 -19.47
CA ALA B 117 1.53 8.23 -19.98
C ALA B 117 1.49 9.69 -19.57
N LYS B 118 0.30 10.28 -19.57
CA LYS B 118 0.13 11.66 -19.17
C LYS B 118 0.40 11.85 -17.70
N VAL B 119 -0.11 10.94 -16.86
CA VAL B 119 0.22 10.91 -15.42
C VAL B 119 1.75 10.78 -15.22
N ASN B 120 2.36 9.84 -15.92
CA ASN B 120 3.77 9.62 -15.86
C ASN B 120 4.61 10.86 -16.19
N GLU B 121 4.18 11.58 -17.22
CA GLU B 121 4.85 12.78 -17.66
C GLU B 121 4.87 13.84 -16.55
N VAL B 122 3.76 14.00 -15.84
CA VAL B 122 3.71 14.94 -14.70
C VAL B 122 4.57 14.44 -13.52
N TYR B 123 4.38 13.19 -13.14
CA TYR B 123 5.05 12.51 -12.04
C TYR B 123 6.54 12.64 -12.14
N ALA B 124 7.05 12.43 -13.36
CA ALA B 124 8.49 12.50 -13.66
C ALA B 124 9.13 13.82 -13.25
N LYS B 125 8.37 14.89 -13.25
CA LYS B 125 8.85 16.22 -12.84
C LYS B 125 9.04 16.33 -11.32
N TYR B 126 8.48 15.42 -10.54
CA TYR B 126 8.48 15.57 -9.09
C TYR B 126 9.49 14.70 -8.36
N PHE B 127 10.11 13.78 -9.07
CA PHE B 127 11.04 12.87 -8.48
C PHE B 127 12.38 12.85 -9.21
N SER B 128 13.43 12.49 -8.46
CA SER B 128 14.79 12.36 -8.95
C SER B 128 15.33 10.95 -8.69
N GLU B 129 16.39 10.61 -9.40
CA GLU B 129 17.05 9.33 -9.25
C GLU B 129 17.87 9.26 -7.95
N PRO B 130 17.84 8.10 -7.27
CA PRO B 130 17.03 6.91 -7.56
C PRO B 130 15.52 7.10 -7.29
N TYR B 131 14.70 6.76 -8.28
CA TYR B 131 13.26 7.03 -8.21
C TYR B 131 12.58 6.09 -7.21
N PRO B 132 11.48 6.55 -6.60
CA PRO B 132 10.76 5.65 -5.72
C PRO B 132 10.36 4.37 -6.42
N ALA B 133 10.33 3.27 -5.68
CA ALA B 133 9.56 2.12 -6.07
C ALA B 133 8.09 2.58 -6.23
N ARG B 134 7.34 1.87 -7.07
CA ARG B 134 6.00 2.28 -7.45
C ARG B 134 5.13 1.11 -7.85
N SER B 135 3.84 1.16 -7.49
CA SER B 135 2.81 0.29 -8.00
C SER B 135 1.74 1.20 -8.59
N CYS B 136 1.25 0.87 -9.79
CA CYS B 136 0.18 1.61 -10.48
C CYS B 136 -0.94 0.66 -10.84
N VAL B 137 -2.15 0.95 -10.36
CA VAL B 137 -3.30 0.14 -10.68
C VAL B 137 -4.49 1.02 -10.99
N GLU B 138 -5.36 0.55 -11.87
CA GLU B 138 -6.68 1.15 -12.09
C GLU B 138 -7.76 0.58 -11.21
N VAL B 139 -8.47 1.47 -10.51
CA VAL B 139 -9.52 1.09 -9.63
C VAL B 139 -10.86 1.56 -10.21
N SER B 140 -11.96 1.07 -9.64
CA SER B 140 -13.25 1.36 -10.20
C SER B 140 -13.78 2.72 -9.78
N LYS B 141 -13.29 3.25 -8.66
CA LYS B 141 -13.67 4.59 -8.21
C LYS B 141 -12.73 5.11 -7.10
N LEU B 142 -12.62 6.43 -7.03
CA LEU B 142 -11.83 7.09 -6.03
C LEU B 142 -12.73 8.08 -5.33
N PRO B 143 -12.29 8.62 -4.16
CA PRO B 143 -13.08 9.62 -3.43
C PRO B 143 -13.40 10.81 -4.31
N LYS B 144 -14.66 11.25 -4.25
CA LYS B 144 -15.19 12.38 -5.03
C LYS B 144 -15.05 12.20 -6.55
N GLY B 145 -14.90 10.98 -7.02
CA GLY B 145 -14.79 10.73 -8.45
C GLY B 145 -13.53 11.31 -9.09
N VAL B 146 -12.51 11.58 -8.29
CA VAL B 146 -11.23 12.03 -8.81
C VAL B 146 -10.62 10.92 -9.75
N LEU B 147 -9.68 11.32 -10.56
CA LEU B 147 -9.08 10.41 -11.55
C LEU B 147 -7.78 9.82 -11.07
N ILE B 148 -7.28 10.30 -9.93
CA ILE B 148 -5.99 9.85 -9.43
C ILE B 148 -5.86 10.06 -7.90
N GLU B 149 -5.15 9.13 -7.26
CA GLU B 149 -4.80 9.22 -5.85
C GLU B 149 -3.41 8.64 -5.66
N ILE B 150 -2.57 9.31 -4.90
CA ILE B 150 -1.20 8.83 -4.70
C ILE B 150 -0.84 8.92 -3.24
N GLU B 151 -0.40 7.79 -2.69
CA GLU B 151 0.17 7.71 -1.33
C GLU B 151 1.64 7.48 -1.46
N ALA B 152 2.38 7.86 -0.42
CA ALA B 152 3.82 7.64 -0.39
C ALA B 152 4.32 7.18 0.98
N VAL B 153 5.39 6.42 0.94
CA VAL B 153 6.21 6.17 2.11
C VAL B 153 7.52 6.88 1.82
N ALA B 154 7.96 7.71 2.78
CA ALA B 154 9.18 8.51 2.68
C ALA B 154 10.03 8.32 3.95
N ILE B 155 11.26 8.78 3.89
CA ILE B 155 12.11 8.87 5.09
C ILE B 155 12.25 10.34 5.50
N LYS B 156 12.56 10.56 6.77
CA LYS B 156 12.94 11.91 7.27
C LYS B 156 14.43 11.94 7.65
N GLN C 20 21.70 0.88 -15.92
CA GLN C 20 22.42 -0.34 -15.37
C GLN C 20 23.21 -0.10 -14.08
N SER C 21 23.62 1.15 -13.85
CA SER C 21 24.36 1.51 -12.65
C SER C 21 23.46 1.63 -11.42
N THR C 22 23.93 1.11 -10.27
CA THR C 22 23.20 1.21 -9.01
C THR C 22 23.99 2.02 -7.95
N SER C 23 24.84 2.92 -8.41
CA SER C 23 25.71 3.65 -7.49
C SER C 23 25.04 4.93 -6.95
N LEU C 24 24.02 5.44 -7.66
CA LEU C 24 23.28 6.59 -7.16
C LEU C 24 22.47 6.27 -5.89
N TYR C 25 22.57 7.17 -4.92
CA TYR C 25 21.76 7.13 -3.71
C TYR C 25 21.27 8.54 -3.36
N LYS C 26 20.31 8.57 -2.43
CA LYS C 26 19.97 9.77 -1.66
C LYS C 26 20.24 9.56 -0.19
N LYS C 27 20.66 10.64 0.47
CA LYS C 27 20.96 10.65 1.90
C LYS C 27 19.92 11.48 2.65
N ALA C 28 19.42 10.96 3.76
CA ALA C 28 18.63 11.74 4.71
C ALA C 28 19.16 11.42 6.13
N GLY C 29 20.03 12.28 6.64
CA GLY C 29 20.68 12.09 7.93
C GLY C 29 21.51 10.82 7.87
N LEU C 30 21.18 9.88 8.75
CA LEU C 30 21.91 8.62 8.84
C LEU C 30 21.34 7.57 7.90
N MSE C 31 20.25 7.88 7.19
CA MSE C 31 19.71 6.90 6.23
C MSE C 31 19.83 7.23 4.78
O MSE C 31 19.88 8.37 4.39
CB MSE C 31 18.28 6.59 6.51
CG MSE C 31 18.13 5.17 6.98
SE MSE C 31 16.69 5.21 8.15
CE MSE C 31 15.28 4.45 7.03
N TYR C 32 19.79 6.16 4.01
CA TYR C 32 20.05 6.23 2.61
C TYR C 32 18.94 5.56 1.84
N ILE C 33 18.69 6.09 0.66
CA ILE C 33 17.84 5.48 -0.35
C ILE C 33 18.77 4.92 -1.44
N GLU C 34 18.77 3.61 -1.62
CA GLU C 34 19.60 2.95 -2.61
C GLU C 34 18.75 2.19 -3.61
N VAL C 35 19.18 2.19 -4.87
CA VAL C 35 18.43 1.61 -6.00
C VAL C 35 18.78 0.15 -6.21
N VAL C 36 17.77 -0.62 -6.63
CA VAL C 36 17.99 -1.96 -7.10
C VAL C 36 17.76 -1.90 -8.60
N LYS C 37 18.73 -2.44 -9.36
CA LYS C 37 18.63 -2.66 -10.81
C LYS C 37 19.13 -4.04 -11.13
N THR C 38 18.36 -4.82 -11.86
CA THR C 38 18.80 -6.12 -12.33
C THR C 38 18.24 -6.37 -13.71
N ASN C 39 19.07 -6.99 -14.55
CA ASN C 39 18.70 -7.38 -15.91
C ASN C 39 17.95 -8.73 -15.92
N LYS C 40 17.90 -9.42 -14.79
CA LYS C 40 17.05 -10.59 -14.62
C LYS C 40 15.56 -10.25 -14.41
N ALA C 41 15.20 -8.97 -14.35
CA ALA C 41 13.78 -8.55 -14.30
C ALA C 41 13.54 -7.41 -15.26
N PRO C 42 12.29 -7.18 -15.67
CA PRO C 42 12.03 -6.09 -16.64
C PRO C 42 12.60 -4.75 -16.21
N GLU C 43 13.18 -4.04 -17.17
CA GLU C 43 13.82 -2.78 -16.87
C GLU C 43 12.78 -1.76 -16.41
N ALA C 44 13.18 -0.91 -15.46
CA ALA C 44 12.31 0.18 -15.02
C ALA C 44 12.51 1.36 -15.96
N ILE C 45 11.58 1.59 -16.87
CA ILE C 45 11.74 2.70 -17.82
C ILE C 45 10.85 3.81 -17.34
N GLY C 46 11.43 4.98 -17.07
CA GLY C 46 10.69 6.12 -16.60
C GLY C 46 10.93 6.33 -15.12
N PRO C 47 10.05 7.08 -14.45
CA PRO C 47 10.41 7.58 -13.12
C PRO C 47 10.04 6.63 -11.98
N TYR C 48 10.51 5.38 -12.04
CA TYR C 48 10.44 4.47 -10.89
C TYR C 48 11.65 3.51 -10.86
N SER C 49 11.85 2.82 -9.74
CA SER C 49 12.88 1.78 -9.65
C SER C 49 12.24 0.46 -9.35
N GLN C 50 12.87 -0.59 -9.87
CA GLN C 50 12.43 -1.98 -9.61
C GLN C 50 12.23 -2.24 -8.11
N ALA C 51 13.17 -1.71 -7.33
CA ALA C 51 13.06 -1.72 -5.88
C ALA C 51 14.03 -0.71 -5.27
N ILE C 52 13.72 -0.30 -4.04
CA ILE C 52 14.53 0.59 -3.25
C ILE C 52 14.88 -0.12 -1.91
N VAL C 53 16.12 0.08 -1.46
CA VAL C 53 16.57 -0.34 -0.13
C VAL C 53 16.78 0.92 0.75
N THR C 54 16.19 0.92 1.94
CA THR C 54 16.40 2.01 2.91
C THR C 54 16.33 1.42 4.31
N GLY C 55 17.30 1.75 5.16
CA GLY C 55 17.45 1.08 6.46
C GLY C 55 17.63 -0.40 6.21
N SER C 56 16.86 -1.23 6.89
CA SER C 56 16.89 -2.68 6.61
C SER C 56 15.64 -3.15 5.86
N PHE C 57 15.00 -2.21 5.15
CA PHE C 57 13.77 -2.48 4.38
C PHE C 57 14.00 -2.47 2.87
N VAL C 58 13.35 -3.41 2.20
CA VAL C 58 13.26 -3.42 0.76
C VAL C 58 11.80 -3.24 0.33
N TYR C 59 11.59 -2.22 -0.54
CA TYR C 59 10.30 -1.87 -1.15
C TYR C 59 10.42 -2.14 -2.64
N THR C 60 9.69 -3.13 -3.13
CA THR C 60 9.68 -3.39 -4.54
C THR C 60 8.54 -2.60 -5.21
N SER C 61 8.71 -2.41 -6.50
CA SER C 61 7.64 -1.96 -7.37
C SER C 61 6.69 -3.13 -7.56
N GLY C 62 5.48 -2.81 -8.01
CA GLY C 62 4.49 -3.85 -8.28
C GLY C 62 4.94 -4.52 -9.57
N GLN C 63 5.34 -5.79 -9.46
CA GLN C 63 5.87 -6.59 -10.60
C GLN C 63 4.72 -7.07 -11.46
N ILE C 64 4.97 -7.09 -12.77
CA ILE C 64 3.95 -7.44 -13.76
C ILE C 64 4.59 -8.54 -14.63
N PRO C 65 3.76 -9.37 -15.30
CA PRO C 65 4.23 -10.60 -15.98
C PRO C 65 4.89 -10.36 -17.34
N ILE C 66 5.87 -9.48 -17.36
CA ILE C 66 6.65 -9.24 -18.55
C ILE C 66 7.86 -10.15 -18.50
N ASN C 67 8.11 -10.82 -19.61
CA ASN C 67 9.31 -11.65 -19.74
C ASN C 67 10.49 -10.73 -19.99
N PRO C 68 11.48 -10.71 -19.09
CA PRO C 68 12.56 -9.72 -19.22
C PRO C 68 13.47 -9.89 -20.46
N GLN C 69 13.51 -11.09 -21.04
CA GLN C 69 14.31 -11.33 -22.24
C GLN C 69 13.58 -10.95 -23.54
N THR C 70 12.41 -10.31 -23.43
CA THR C 70 11.64 -9.88 -24.61
C THR C 70 10.98 -8.50 -24.49
N GLY C 71 10.68 -8.05 -23.27
CA GLY C 71 9.93 -6.81 -23.09
C GLY C 71 8.42 -6.97 -23.20
N GLU C 72 7.98 -8.18 -23.55
CA GLU C 72 6.56 -8.47 -23.80
C GLU C 72 5.90 -9.24 -22.66
N VAL C 73 4.60 -9.07 -22.53
CA VAL C 73 3.83 -9.88 -21.64
C VAL C 73 3.98 -11.33 -22.13
N VAL C 74 4.12 -12.25 -21.18
CA VAL C 74 4.26 -13.65 -21.50
C VAL C 74 3.02 -14.23 -22.13
N ASP C 75 3.23 -15.21 -22.99
CA ASP C 75 2.16 -16.03 -23.53
C ASP C 75 1.47 -16.85 -22.44
N GLY C 76 0.22 -17.22 -22.68
CA GLY C 76 -0.55 -18.02 -21.76
C GLY C 76 -1.63 -17.23 -21.04
N GLY C 77 -2.03 -17.76 -19.88
CA GLY C 77 -3.10 -17.19 -19.08
C GLY C 77 -2.64 -16.82 -17.68
N ILE C 78 -3.57 -16.83 -16.73
CA ILE C 78 -3.27 -16.39 -15.37
C ILE C 78 -2.14 -17.19 -14.73
N GLU C 79 -2.12 -18.49 -14.95
CA GLU C 79 -1.10 -19.33 -14.35
C GLU C 79 0.29 -18.94 -14.85
N GLU C 80 0.40 -18.71 -16.16
CA GLU C 80 1.68 -18.29 -16.75
C GLU C 80 2.06 -16.87 -16.31
N GLN C 81 1.08 -15.96 -16.26
CA GLN C 81 1.38 -14.60 -15.78
C GLN C 81 1.81 -14.60 -14.31
N ALA C 82 1.09 -15.35 -13.47
CA ALA C 82 1.43 -15.43 -12.03
C ALA C 82 2.86 -15.93 -11.81
N LYS C 83 3.26 -16.99 -12.52
CA LYS C 83 4.65 -17.49 -12.48
C LYS C 83 5.65 -16.39 -12.82
N GLN C 84 5.43 -15.69 -13.93
CA GLN C 84 6.39 -14.67 -14.38
C GLN C 84 6.51 -13.49 -13.41
N VAL C 85 5.38 -13.08 -12.84
CA VAL C 85 5.38 -12.03 -11.83
C VAL C 85 6.30 -12.43 -10.66
N LEU C 86 6.15 -13.68 -10.20
CA LEU C 86 6.85 -14.18 -9.02
C LEU C 86 8.32 -14.39 -9.31
N GLU C 87 8.66 -14.80 -10.52
CA GLU C 87 10.08 -14.93 -10.91
C GLU C 87 10.73 -13.57 -10.89
N ASN C 88 10.03 -12.60 -11.48
CA ASN C 88 10.47 -11.20 -11.53
C ASN C 88 10.64 -10.65 -10.11
N LEU C 89 9.64 -10.90 -9.25
CA LEU C 89 9.74 -10.51 -7.82
C LEU C 89 10.96 -11.16 -7.13
N LYS C 90 11.11 -12.47 -7.31
CA LYS C 90 12.29 -13.20 -6.81
C LYS C 90 13.59 -12.49 -7.19
N ASN C 91 13.77 -12.23 -8.48
CA ASN C 91 15.03 -11.64 -8.97
C ASN C 91 15.26 -10.22 -8.52
N VAL C 92 14.20 -9.43 -8.41
CA VAL C 92 14.34 -8.10 -7.83
C VAL C 92 14.77 -8.22 -6.34
N LEU C 93 14.13 -9.10 -5.58
CA LEU C 93 14.43 -9.25 -4.16
C LEU C 93 15.88 -9.66 -3.95
N GLU C 94 16.29 -10.73 -4.65
CA GLU C 94 17.66 -11.25 -4.57
C GLU C 94 18.69 -10.26 -5.04
N ALA C 95 18.36 -9.48 -6.07
CA ALA C 95 19.22 -8.39 -6.51
C ALA C 95 19.33 -7.31 -5.44
N ALA C 96 18.33 -7.20 -4.56
CA ALA C 96 18.37 -6.25 -3.46
C ALA C 96 19.19 -6.73 -2.27
N GLY C 97 19.66 -7.99 -2.29
CA GLY C 97 20.29 -8.60 -1.12
C GLY C 97 19.27 -9.26 -0.20
N SER C 98 18.03 -9.36 -0.67
CA SER C 98 16.95 -9.94 0.13
C SER C 98 16.58 -11.27 -0.51
N SER C 99 15.36 -11.74 -0.24
CA SER C 99 14.87 -12.98 -0.81
C SER C 99 13.39 -13.16 -0.53
N LEU C 100 12.79 -14.10 -1.25
CA LEU C 100 11.38 -14.46 -1.07
C LEU C 100 11.04 -14.78 0.38
N ASN C 101 11.97 -15.41 1.09
CA ASN C 101 11.75 -15.80 2.47
C ASN C 101 11.96 -14.65 3.49
N LYS C 102 12.35 -13.47 3.02
CA LYS C 102 12.45 -12.28 3.83
C LYS C 102 11.32 -11.25 3.52
N VAL C 103 10.34 -11.69 2.74
CA VAL C 103 9.18 -10.87 2.43
C VAL C 103 8.26 -10.87 3.63
N VAL C 104 7.91 -9.68 4.09
CA VAL C 104 7.00 -9.55 5.22
C VAL C 104 5.55 -9.24 4.83
N LYS C 105 5.35 -8.61 3.66
CA LYS C 105 4.02 -8.17 3.21
C LYS C 105 3.97 -8.08 1.69
N THR C 106 2.93 -8.65 1.09
CA THR C 106 2.62 -8.45 -0.32
C THR C 106 1.25 -7.80 -0.50
N THR C 107 1.07 -7.15 -1.64
CA THR C 107 -0.27 -6.85 -2.13
C THR C 107 -0.36 -7.52 -3.47
N VAL C 108 -1.40 -8.34 -3.64
CA VAL C 108 -1.70 -8.99 -4.90
C VAL C 108 -2.89 -8.30 -5.58
N PHE C 109 -2.62 -7.59 -6.67
CA PHE C 109 -3.67 -6.96 -7.44
C PHE C 109 -4.03 -7.90 -8.60
N ILE C 110 -5.29 -8.30 -8.70
CA ILE C 110 -5.69 -9.22 -9.77
C ILE C 110 -6.86 -8.73 -10.56
N LYS C 111 -6.89 -9.11 -11.83
CA LYS C 111 -7.98 -8.74 -12.72
C LYS C 111 -9.28 -9.56 -12.50
N ASP C 112 -9.12 -10.78 -11.98
CA ASP C 112 -10.22 -11.74 -11.75
C ASP C 112 -10.10 -12.46 -10.41
N MSE C 113 -10.86 -12.03 -9.41
CA MSE C 113 -10.86 -12.67 -8.09
C MSE C 113 -11.38 -14.12 -8.16
O MSE C 113 -10.98 -14.94 -7.35
CB MSE C 113 -11.75 -11.86 -7.11
CG MSE C 113 -11.81 -12.35 -5.65
SE MSE C 113 -10.08 -12.23 -4.76
CE MSE C 113 -9.81 -10.34 -4.93
N ASP C 114 -12.28 -14.41 -9.11
CA ASP C 114 -12.86 -15.75 -9.24
C ASP C 114 -11.82 -16.86 -9.46
N SER C 115 -10.67 -16.55 -10.05
CA SER C 115 -9.62 -17.54 -10.23
C SER C 115 -8.45 -17.33 -9.27
N PHE C 116 -8.74 -16.78 -8.07
CA PHE C 116 -7.69 -16.61 -7.08
C PHE C 116 -7.01 -17.93 -6.66
N ALA C 117 -7.77 -19.04 -6.63
CA ALA C 117 -7.18 -20.37 -6.32
C ALA C 117 -6.03 -20.75 -7.21
N LYS C 118 -6.12 -20.36 -8.48
CA LYS C 118 -5.05 -20.59 -9.44
C LYS C 118 -3.82 -19.71 -9.14
N VAL C 119 -4.03 -18.42 -8.88
CA VAL C 119 -2.92 -17.60 -8.44
C VAL C 119 -2.28 -18.18 -7.17
N ASN C 120 -3.12 -18.60 -6.24
CA ASN C 120 -2.68 -19.12 -4.93
C ASN C 120 -1.80 -20.35 -5.02
N GLU C 121 -2.18 -21.25 -5.90
CA GLU C 121 -1.43 -22.45 -6.24
C GLU C 121 -0.03 -22.15 -6.80
N VAL C 122 0.11 -21.07 -7.55
CA VAL C 122 1.45 -20.67 -8.03
C VAL C 122 2.20 -20.00 -6.89
N TYR C 123 1.51 -19.13 -6.17
CA TYR C 123 2.10 -18.31 -5.09
C TYR C 123 2.72 -19.19 -4.00
N ALA C 124 1.97 -20.23 -3.63
CA ALA C 124 2.39 -21.20 -2.60
C ALA C 124 3.71 -21.90 -2.92
N LYS C 125 4.09 -21.98 -4.20
CA LYS C 125 5.39 -22.53 -4.58
C LYS C 125 6.52 -21.58 -4.32
N TYR C 126 6.25 -20.29 -4.23
CA TYR C 126 7.35 -19.30 -4.07
C TYR C 126 7.63 -18.90 -2.63
N PHE C 127 6.74 -19.26 -1.71
CA PHE C 127 6.88 -18.91 -0.29
C PHE C 127 6.59 -20.16 0.55
N SER C 128 7.07 -20.15 1.79
CA SER C 128 6.80 -21.20 2.77
C SER C 128 6.81 -20.55 4.15
N GLU C 129 6.47 -21.31 5.19
CA GLU C 129 6.41 -20.72 6.53
C GLU C 129 7.76 -20.05 6.92
N PRO C 130 7.71 -18.83 7.53
CA PRO C 130 6.55 -18.00 7.80
C PRO C 130 6.02 -17.26 6.53
N TYR C 131 4.76 -17.44 6.17
CA TYR C 131 4.24 -16.74 4.96
C TYR C 131 4.11 -15.21 5.17
N PRO C 132 4.29 -14.42 4.10
CA PRO C 132 4.07 -12.98 4.24
C PRO C 132 2.62 -12.64 4.61
N ALA C 133 2.42 -11.52 5.30
CA ALA C 133 1.09 -10.90 5.36
C ALA C 133 0.73 -10.48 3.92
N ARG C 134 -0.57 -10.40 3.65
CA ARG C 134 -1.05 -10.21 2.29
C ARG C 134 -2.38 -9.51 2.23
N SER C 135 -2.50 -8.65 1.23
CA SER C 135 -3.79 -8.13 0.82
C SER C 135 -4.04 -8.57 -0.64
N CYS C 136 -5.27 -8.95 -0.95
CA CYS C 136 -5.67 -9.38 -2.29
C CYS C 136 -6.93 -8.65 -2.72
N VAL C 137 -6.84 -7.91 -3.84
CA VAL C 137 -7.98 -7.20 -4.39
C VAL C 137 -8.08 -7.33 -5.90
N GLU C 138 -9.31 -7.33 -6.38
CA GLU C 138 -9.60 -7.28 -7.80
C GLU C 138 -9.64 -5.82 -8.27
N VAL C 139 -8.80 -5.49 -9.22
CA VAL C 139 -8.75 -4.12 -9.77
C VAL C 139 -9.41 -4.15 -11.15
N SER C 140 -9.57 -2.97 -11.72
CA SER C 140 -10.33 -2.87 -12.96
C SER C 140 -9.40 -2.95 -14.15
N LYS C 141 -8.15 -2.53 -13.99
CA LYS C 141 -7.14 -2.70 -15.04
C LYS C 141 -5.74 -2.57 -14.42
N LEU C 142 -4.75 -3.13 -15.10
CA LEU C 142 -3.39 -3.10 -14.67
C LEU C 142 -2.55 -2.69 -15.87
N PRO C 143 -1.26 -2.31 -15.65
CA PRO C 143 -0.43 -1.94 -16.77
C PRO C 143 -0.35 -3.00 -17.86
N LYS C 144 -0.46 -2.54 -19.10
CA LYS C 144 -0.43 -3.36 -20.31
C LYS C 144 -1.52 -4.43 -20.41
N GLY C 145 -2.62 -4.27 -19.67
CA GLY C 145 -3.68 -5.27 -19.66
C GLY C 145 -3.38 -6.59 -18.98
N VAL C 146 -2.37 -6.63 -18.12
CA VAL C 146 -2.03 -7.86 -17.40
C VAL C 146 -3.11 -8.27 -16.38
N LEU C 147 -3.02 -9.52 -15.98
CA LEU C 147 -4.03 -10.10 -15.09
C LEU C 147 -3.63 -10.09 -13.63
N ILE C 148 -2.38 -9.77 -13.37
CA ILE C 148 -1.86 -9.81 -12.01
C ILE C 148 -0.68 -8.87 -11.86
N GLU C 149 -0.61 -8.24 -10.68
CA GLU C 149 0.52 -7.40 -10.25
C GLU C 149 0.77 -7.66 -8.76
N ILE C 150 2.04 -7.86 -8.39
CA ILE C 150 2.40 -8.10 -7.00
C ILE C 150 3.56 -7.23 -6.61
N GLU C 151 3.37 -6.48 -5.51
CA GLU C 151 4.43 -5.71 -4.85
C GLU C 151 4.75 -6.39 -3.52
N ALA C 152 5.92 -6.11 -2.99
CA ALA C 152 6.39 -6.71 -1.73
C ALA C 152 7.12 -5.69 -0.87
N VAL C 153 6.92 -5.82 0.43
CA VAL C 153 7.85 -5.26 1.39
C VAL C 153 8.60 -6.44 2.05
N ALA C 154 9.91 -6.32 2.08
CA ALA C 154 10.81 -7.34 2.58
C ALA C 154 11.92 -6.71 3.44
N ILE C 155 12.61 -7.56 4.19
CA ILE C 155 13.75 -7.09 4.97
C ILE C 155 15.03 -7.58 4.33
N LYS C 156 16.11 -6.88 4.63
CA LYS C 156 17.44 -7.25 4.17
C LYS C 156 18.13 -8.06 5.26
UNK UNX D . -0.09 -13.16 21.43
UNK UNX E . 3.93 -16.17 16.83
UNK UNX F . -5.82 -11.57 19.49
UNK UNX G . 6.58 -16.44 15.01
UNK UNX H . -12.09 -10.92 15.58
UNK UNX I . -14.42 -10.74 16.12
UNK UNX J . 6.81 0.06 5.69
UNK UNX K . -0.52 1.22 3.13
UNK UNX L . -2.27 -2.59 -0.31
UNK UNX M . -2.43 0.96 0.14
UNK UNX N . -5.02 -12.11 3.22
UNK UNX O . -3.02 -18.33 11.31
UNK UNX P . -1.59 -16.25 10.72
UNK UNX Q . -3.33 16.25 8.96
UNK UNX R . -5.42 18.37 9.05
UNK UNX S . -2.01 -1.22 -1.80
UNK UNX T . -5.57 -13.82 1.25
#